data_2DOQ
#
_entry.id   2DOQ
#
_cell.length_a   87.283
_cell.length_b   92.961
_cell.length_c   189.358
_cell.angle_alpha   90.00
_cell.angle_beta   90.00
_cell.angle_gamma   90.00
#
_symmetry.space_group_name_H-M   'C 2 2 21'
#
loop_
_entity.id
_entity.type
_entity.pdbx_description
1 polymer 'Cell division control protein 31'
2 polymer SFI1p
3 non-polymer 'CALCIUM ION'
4 water water
#
loop_
_entity_poly.entity_id
_entity_poly.type
_entity_poly.pdbx_seq_one_letter_code
_entity_poly.pdbx_strand_id
1 'polypeptide(L)'
;(MSE)SKNRSSLQSGPLNSELLEEQKQEIYEAFSLFD(MSE)NNDGFLDYHELKVA(MSE)KALGFELPKREILDLIDEY
DSEGRHL(MSE)KYDDFYIV(MSE)GEKILKRDPLDEIKRAFQLFDDDHTGKISIKNLRRVAKELGETLTDEELRA
(MSE)IEEFDLDGDGEINENEFIAICTDS
;
A,B,C
2 'polypeptide(L)'
;GPLGSNEEANRFANQAKLRVQEAVFYIWSDKTLKYSQ(MSE)ANDEAESFRNTWLLFRSFQQWITLTQTFKEQSRLADQA
FLNK(MSE)FRKILKAQEHWKH
;
D
#
# COMPACT_ATOMS: atom_id res chain seq x y z
N SER A 15 -12.36 37.90 -15.61
CA SER A 15 -13.19 39.14 -15.51
C SER A 15 -12.30 40.36 -15.26
N GLU A 16 -11.25 40.16 -14.45
CA GLU A 16 -10.26 41.18 -14.19
C GLU A 16 -8.91 40.65 -14.65
N LEU A 17 -8.05 41.56 -15.10
CA LEU A 17 -6.73 41.16 -15.60
C LEU A 17 -5.76 40.79 -14.49
N LEU A 18 -4.95 39.77 -14.74
CA LEU A 18 -3.83 39.44 -13.85
C LEU A 18 -2.77 40.53 -13.95
N GLU A 19 -1.93 40.65 -12.93
CA GLU A 19 -0.81 41.59 -12.99
C GLU A 19 0.12 41.24 -14.14
N GLU A 20 0.29 39.95 -14.40
CA GLU A 20 1.08 39.49 -15.54
C GLU A 20 0.47 40.01 -16.85
N GLN A 21 -0.85 39.87 -16.98
CA GLN A 21 -1.60 40.41 -18.11
C GLN A 21 -1.54 41.94 -18.19
N LYS A 22 -1.97 42.63 -17.14
CA LYS A 22 -1.88 44.08 -17.10
C LYS A 22 -0.51 44.58 -17.55
N GLN A 23 0.55 43.95 -17.03
CA GLN A 23 1.93 44.34 -17.37
C GLN A 23 2.23 44.08 -18.82
N GLU A 24 1.82 42.90 -19.29
CA GLU A 24 2.01 42.53 -20.69
C GLU A 24 1.56 43.69 -21.57
N ILE A 25 0.28 44.06 -21.47
CA ILE A 25 -0.28 45.17 -22.23
C ILE A 25 0.67 46.37 -22.23
N TYR A 26 0.82 46.99 -21.06
CA TYR A 26 1.75 48.10 -20.86
C TYR A 26 3.12 47.82 -21.48
N GLU A 27 3.69 46.65 -21.19
CA GLU A 27 5.03 46.31 -21.67
C GLU A 27 5.08 46.40 -23.19
N ALA A 28 4.04 45.92 -23.85
CA ALA A 28 3.93 45.92 -25.32
C ALA A 28 3.76 47.35 -25.85
N PHE A 29 2.71 48.03 -25.40
CA PHE A 29 2.44 49.40 -25.83
C PHE A 29 3.62 50.31 -25.51
N SER A 30 4.46 49.89 -24.59
CA SER A 30 5.63 50.67 -24.25
C SER A 30 6.67 50.59 -25.35
N LEU A 31 6.93 49.36 -25.82
CA LEU A 31 8.00 49.10 -26.79
C LEU A 31 7.70 49.55 -28.22
N PHE A 32 6.57 49.13 -28.75
CA PHE A 32 6.24 49.47 -30.13
C PHE A 32 5.75 50.92 -30.36
N ASP A 33 5.83 51.75 -29.32
CA ASP A 33 5.61 53.19 -29.40
C ASP A 33 6.95 53.85 -29.72
N ASN A 35 8.27 56.40 -31.10
CA ASN A 35 8.60 57.79 -30.83
C ASN A 35 8.20 58.26 -29.44
N ASN A 36 8.10 57.33 -28.51
CA ASN A 36 7.82 57.61 -27.10
C ASN A 36 6.58 58.48 -26.87
N ASP A 37 5.95 58.91 -27.95
CA ASP A 37 4.96 60.00 -27.91
C ASP A 37 3.62 59.68 -27.24
N GLY A 38 3.36 58.42 -26.94
CA GLY A 38 2.14 58.06 -26.20
C GLY A 38 1.03 57.49 -27.06
N PHE A 39 1.19 57.60 -28.37
CA PHE A 39 0.25 57.05 -29.32
C PHE A 39 0.91 55.98 -30.14
N LEU A 40 0.11 55.03 -30.60
CA LEU A 40 0.55 54.06 -31.60
C LEU A 40 -0.18 54.35 -32.89
N ASP A 41 0.57 54.47 -33.99
CA ASP A 41 -0.03 54.53 -35.32
C ASP A 41 -0.38 53.12 -35.79
N TYR A 42 -1.01 52.98 -36.95
CA TYR A 42 -1.32 51.66 -37.51
C TYR A 42 -0.11 50.74 -37.50
N HIS A 43 1.00 51.26 -38.01
CA HIS A 43 2.20 50.47 -38.17
C HIS A 43 2.61 49.89 -36.83
N GLU A 44 2.68 50.76 -35.82
CA GLU A 44 3.09 50.38 -34.49
C GLU A 44 2.14 49.35 -33.88
N LEU A 45 0.84 49.62 -34.00
CA LEU A 45 -0.21 48.70 -33.55
C LEU A 45 -0.13 47.26 -34.11
N LYS A 46 0.16 47.12 -35.40
CA LYS A 46 0.13 45.83 -36.02
C LYS A 46 1.10 44.94 -35.27
N VAL A 47 2.29 45.47 -35.01
CA VAL A 47 3.34 44.71 -34.33
C VAL A 47 2.99 44.50 -32.86
N ALA A 48 2.46 45.53 -32.21
CA ALA A 48 1.98 45.43 -30.84
C ALA A 48 1.05 44.24 -30.66
N LYS A 50 0.68 41.62 -32.65
CA LYS A 50 1.33 40.36 -32.99
C LYS A 50 2.25 39.89 -31.87
N ALA A 51 2.73 40.84 -31.06
CA ALA A 51 3.53 40.49 -29.89
C ALA A 51 2.63 39.82 -28.85
N LEU A 52 1.56 40.51 -28.46
CA LEU A 52 0.53 39.95 -27.58
C LEU A 52 -0.17 38.71 -28.18
N GLY A 53 0.25 38.27 -29.36
CA GLY A 53 -0.26 37.02 -29.92
C GLY A 53 -1.30 37.16 -31.01
N PHE A 54 -1.95 38.33 -31.09
CA PHE A 54 -3.01 38.55 -32.05
C PHE A 54 -2.55 38.88 -33.48
N GLU A 55 -3.03 38.11 -34.45
CA GLU A 55 -2.84 38.44 -35.86
C GLU A 55 -4.20 38.76 -36.48
N LEU A 56 -4.58 40.03 -36.47
CA LEU A 56 -5.78 40.47 -37.16
C LEU A 56 -5.51 40.87 -38.60
N PRO A 57 -6.50 40.68 -39.49
CA PRO A 57 -6.53 41.27 -40.82
C PRO A 57 -6.16 42.75 -40.78
N LYS A 58 -5.30 43.16 -41.70
CA LYS A 58 -4.82 44.54 -41.78
C LYS A 58 -5.94 45.58 -41.73
N ARG A 59 -7.01 45.36 -42.50
CA ARG A 59 -8.17 46.26 -42.45
C ARG A 59 -8.90 46.29 -41.11
N GLU A 60 -8.88 45.17 -40.38
CA GLU A 60 -9.54 45.12 -39.08
C GLU A 60 -8.75 45.89 -38.02
N ILE A 61 -7.44 45.97 -38.22
CA ILE A 61 -6.60 46.81 -37.40
C ILE A 61 -6.98 48.27 -37.65
N LEU A 62 -7.24 48.61 -38.90
CA LEU A 62 -7.68 49.96 -39.24
C LEU A 62 -9.07 50.26 -38.70
N ASP A 63 -9.92 49.23 -38.68
CA ASP A 63 -11.22 49.35 -38.04
C ASP A 63 -11.02 49.88 -36.64
N LEU A 64 -10.06 49.30 -35.93
CA LEU A 64 -9.82 49.65 -34.53
C LEU A 64 -9.38 51.09 -34.40
N ILE A 65 -8.26 51.42 -35.02
CA ILE A 65 -7.69 52.74 -34.89
C ILE A 65 -8.79 53.74 -35.10
N ASP A 66 -9.51 53.61 -36.22
CA ASP A 66 -10.55 54.58 -36.57
C ASP A 66 -11.66 54.64 -35.57
N GLU A 67 -12.13 53.47 -35.13
CA GLU A 67 -13.18 53.42 -34.11
C GLU A 67 -12.79 54.25 -32.90
N TYR A 68 -11.68 53.89 -32.26
CA TYR A 68 -11.15 54.63 -31.12
C TYR A 68 -10.25 55.78 -31.60
N ASP A 69 -10.88 56.86 -32.08
CA ASP A 69 -10.17 57.95 -32.73
C ASP A 69 -11.16 59.05 -33.09
N SER A 70 -11.17 60.11 -32.29
CA SER A 70 -12.17 61.19 -32.43
C SER A 70 -11.76 62.31 -33.40
N GLU A 71 -10.61 62.16 -34.03
CA GLU A 71 -10.15 63.11 -35.04
C GLU A 71 -9.70 62.31 -36.26
N GLY A 72 -9.39 63.01 -37.34
CA GLY A 72 -8.80 62.35 -38.52
C GLY A 72 -7.36 61.97 -38.25
N ARG A 73 -7.05 61.73 -36.98
CA ARG A 73 -5.69 61.62 -36.52
C ARG A 73 -5.03 60.30 -36.81
N HIS A 74 -5.81 59.23 -36.66
CA HIS A 74 -5.33 57.86 -36.89
C HIS A 74 -4.28 57.40 -35.87
N LEU A 75 -4.50 57.74 -34.61
CA LEU A 75 -3.59 57.33 -33.55
C LEU A 75 -4.40 56.72 -32.44
N LYS A 77 -4.58 55.97 -28.38
CA LYS A 77 -4.16 56.27 -27.02
C LYS A 77 -3.97 54.96 -26.22
N TYR A 78 -3.05 54.97 -25.27
CA TYR A 78 -2.85 53.80 -24.39
C TYR A 78 -4.12 53.39 -23.66
N ASP A 79 -4.80 54.39 -23.12
CA ASP A 79 -6.11 54.20 -22.49
C ASP A 79 -7.07 53.36 -23.35
N ASP A 80 -6.98 53.50 -24.68
CA ASP A 80 -7.83 52.75 -25.59
C ASP A 80 -7.27 51.38 -25.94
N PHE A 81 -5.95 51.31 -26.10
CA PHE A 81 -5.23 50.03 -26.30
C PHE A 81 -5.57 49.06 -25.18
N TYR A 82 -5.30 49.47 -23.94
CA TYR A 82 -5.57 48.72 -22.72
C TYR A 82 -6.94 48.08 -22.74
N ILE A 83 -7.97 48.84 -23.13
CA ILE A 83 -9.35 48.34 -23.11
C ILE A 83 -9.59 47.36 -24.23
N VAL A 84 -9.17 47.73 -25.43
CA VAL A 84 -9.34 46.87 -26.59
C VAL A 84 -8.62 45.54 -26.41
N GLY A 86 -7.39 44.46 -23.55
CA GLY A 86 -7.89 43.90 -22.31
C GLY A 86 -9.02 42.93 -22.56
N GLU A 87 -10.06 43.41 -23.23
CA GLU A 87 -11.25 42.60 -23.50
C GLU A 87 -11.02 41.54 -24.57
N LYS A 88 -9.95 41.71 -25.34
CA LYS A 88 -9.52 40.69 -26.29
C LYS A 88 -8.76 39.55 -25.60
N ILE A 89 -8.20 39.85 -24.43
CA ILE A 89 -7.47 38.86 -23.65
C ILE A 89 -8.42 37.95 -22.85
N LEU A 90 -9.45 38.52 -22.25
CA LEU A 90 -10.41 37.77 -21.45
C LEU A 90 -11.29 36.84 -22.29
N LYS A 91 -11.72 37.29 -23.46
CA LYS A 91 -12.52 36.45 -24.37
C LYS A 91 -11.70 35.32 -24.98
N ARG A 92 -10.41 35.32 -24.65
CA ARG A 92 -9.48 34.26 -24.98
C ARG A 92 -10.02 32.90 -24.54
N ASP A 93 -10.09 31.96 -25.46
CA ASP A 93 -10.42 30.58 -25.12
C ASP A 93 -9.21 29.93 -24.45
N PRO A 94 -9.38 29.46 -23.20
CA PRO A 94 -8.32 28.73 -22.49
C PRO A 94 -7.68 27.64 -23.34
N LEU A 95 -8.51 26.92 -24.10
CA LEU A 95 -8.04 25.85 -25.00
C LEU A 95 -7.19 26.37 -26.16
N ASP A 96 -7.52 27.56 -26.66
CA ASP A 96 -6.75 28.15 -27.77
C ASP A 96 -5.29 28.30 -27.39
N GLU A 97 -5.04 28.69 -26.14
CA GLU A 97 -3.68 28.79 -25.62
C GLU A 97 -3.01 27.42 -25.62
N ILE A 98 -3.72 26.40 -25.13
CA ILE A 98 -3.21 25.03 -25.12
C ILE A 98 -2.98 24.53 -26.55
N LYS A 99 -3.90 24.85 -27.44
CA LYS A 99 -3.90 24.33 -28.80
C LYS A 99 -2.74 24.95 -29.57
N ARG A 100 -2.55 26.25 -29.34
CA ARG A 100 -1.45 27.00 -29.90
C ARG A 100 -0.12 26.64 -29.19
N ALA A 101 -0.20 25.89 -28.11
CA ALA A 101 1.01 25.44 -27.39
C ALA A 101 1.59 24.19 -28.05
N PHE A 102 0.69 23.26 -28.38
CA PHE A 102 1.02 22.03 -29.09
C PHE A 102 1.87 22.28 -30.33
N GLN A 103 1.52 23.31 -31.10
CA GLN A 103 2.14 23.62 -32.39
C GLN A 103 3.61 24.03 -32.26
N LEU A 104 3.97 24.55 -31.10
CA LEU A 104 5.33 24.97 -30.80
C LEU A 104 6.24 23.78 -30.54
N PHE A 105 5.63 22.65 -30.20
CA PHE A 105 6.33 21.39 -29.99
C PHE A 105 6.34 20.59 -31.27
N ASP A 106 5.23 20.68 -31.99
CA ASP A 106 5.03 20.02 -33.26
C ASP A 106 5.52 20.95 -34.36
N ASP A 107 6.83 21.13 -34.44
CA ASP A 107 7.47 22.08 -35.39
C ASP A 107 7.26 21.58 -36.81
N ASP A 108 7.38 20.27 -36.96
CA ASP A 108 7.06 19.54 -38.19
C ASP A 108 5.59 19.64 -38.56
N HIS A 109 4.74 19.88 -37.56
CA HIS A 109 3.29 20.07 -37.72
C HIS A 109 2.56 18.80 -38.16
N THR A 110 2.95 17.66 -37.59
CA THR A 110 2.39 16.36 -37.95
C THR A 110 1.12 16.02 -37.18
N GLY A 111 0.79 16.85 -36.20
CA GLY A 111 -0.37 16.62 -35.34
C GLY A 111 -0.06 15.64 -34.24
N LYS A 112 1.21 15.21 -34.16
CA LYS A 112 1.70 14.31 -33.11
C LYS A 112 3.08 14.76 -32.66
N ILE A 113 3.30 14.74 -31.35
CA ILE A 113 4.59 15.13 -30.73
C ILE A 113 5.59 13.96 -30.63
N SER A 114 6.80 14.19 -31.14
CA SER A 114 7.80 13.14 -31.33
C SER A 114 8.91 13.19 -30.30
N ILE A 115 9.64 12.07 -30.21
CA ILE A 115 10.87 11.96 -29.42
C ILE A 115 11.87 13.06 -29.76
N LYS A 116 12.15 13.21 -31.06
CA LYS A 116 13.09 14.21 -31.55
C LYS A 116 12.55 15.63 -31.40
N ASN A 117 11.22 15.74 -31.32
CA ASN A 117 10.56 17.02 -31.06
C ASN A 117 10.98 17.56 -29.71
N LEU A 118 10.78 16.71 -28.71
CA LEU A 118 11.08 17.03 -27.32
C LEU A 118 12.59 17.15 -27.08
N ARG A 119 13.33 16.30 -27.78
CA ARG A 119 14.77 16.35 -27.83
C ARG A 119 15.21 17.76 -28.21
N ARG A 120 14.48 18.38 -29.12
CA ARG A 120 14.74 19.74 -29.58
C ARG A 120 14.35 20.79 -28.53
N VAL A 121 13.21 20.57 -27.88
CA VAL A 121 12.78 21.44 -26.79
C VAL A 121 13.79 21.46 -25.66
N ALA A 122 14.12 20.28 -25.12
CA ALA A 122 14.95 20.15 -23.93
C ALA A 122 16.29 20.87 -24.09
N LYS A 123 16.97 20.62 -25.20
CA LYS A 123 18.22 21.31 -25.47
C LYS A 123 17.99 22.82 -25.58
N GLU A 124 16.84 23.21 -26.12
CA GLU A 124 16.49 24.62 -26.30
C GLU A 124 16.06 25.26 -24.99
N LEU A 125 15.75 24.43 -24.00
CA LEU A 125 15.42 24.92 -22.67
C LEU A 125 16.54 24.61 -21.71
N GLY A 126 17.74 24.44 -22.26
CA GLY A 126 18.96 24.17 -21.51
C GLY A 126 18.83 22.99 -20.56
N GLU A 127 18.50 21.82 -21.13
CA GLU A 127 18.22 20.65 -20.32
C GLU A 127 18.94 19.41 -20.82
N THR A 128 19.55 18.68 -19.89
CA THR A 128 20.15 17.37 -20.16
C THR A 128 19.28 16.28 -19.54
N LEU A 129 18.66 15.50 -20.42
CA LEU A 129 17.79 14.41 -20.03
C LEU A 129 18.01 13.30 -21.04
N THR A 130 18.24 12.08 -20.55
CA THR A 130 18.43 10.93 -21.44
C THR A 130 17.16 10.66 -22.24
N ASP A 131 17.29 9.82 -23.27
CA ASP A 131 16.15 9.42 -24.09
C ASP A 131 15.19 8.53 -23.32
N GLU A 132 15.68 7.91 -22.24
CA GLU A 132 14.80 7.15 -21.36
C GLU A 132 13.95 8.09 -20.53
N GLU A 133 14.55 9.19 -20.08
CA GLU A 133 13.82 10.24 -19.37
C GLU A 133 12.73 10.81 -20.26
N LEU A 134 13.06 11.02 -21.53
CA LEU A 134 12.12 11.55 -22.52
C LEU A 134 11.11 10.51 -22.93
N ARG A 135 11.59 9.29 -23.18
CA ARG A 135 10.73 8.17 -23.56
C ARG A 135 9.68 8.01 -22.48
N ALA A 136 10.13 8.12 -21.24
CA ALA A 136 9.26 8.02 -20.08
C ALA A 136 8.15 9.05 -20.15
N ILE A 138 6.72 10.43 -22.73
CA ILE A 138 5.72 10.13 -23.74
C ILE A 138 4.98 8.86 -23.38
N GLU A 139 5.75 7.79 -23.14
CA GLU A 139 5.20 6.49 -22.80
C GLU A 139 4.07 6.60 -21.76
N GLU A 140 4.18 7.60 -20.87
CA GLU A 140 3.18 7.80 -19.81
C GLU A 140 1.89 8.38 -20.37
N PHE A 141 1.99 9.33 -21.28
CA PHE A 141 0.80 10.00 -21.76
C PHE A 141 0.26 9.46 -23.07
N ASP A 142 1.09 8.69 -23.80
CA ASP A 142 0.64 8.05 -25.02
C ASP A 142 -0.43 7.05 -24.64
N LEU A 143 -1.68 7.38 -24.95
CA LEU A 143 -2.80 6.58 -24.45
C LEU A 143 -3.55 5.80 -25.54
N ASP A 144 -2.85 5.47 -26.63
CA ASP A 144 -3.39 4.60 -27.66
C ASP A 144 -2.32 3.59 -28.07
N GLY A 145 -1.07 3.92 -27.76
CA GLY A 145 0.04 2.98 -27.93
C GLY A 145 1.00 3.31 -29.07
N ASP A 146 0.74 4.39 -29.80
CA ASP A 146 1.55 4.71 -30.98
C ASP A 146 2.89 5.37 -30.63
N GLY A 147 3.18 5.46 -29.35
CA GLY A 147 4.44 6.04 -28.86
C GLY A 147 4.56 7.54 -29.07
N GLU A 148 3.44 8.19 -29.40
CA GLU A 148 3.43 9.63 -29.69
C GLU A 148 2.17 10.35 -29.19
N ILE A 149 2.32 11.63 -28.84
CA ILE A 149 1.24 12.41 -28.22
C ILE A 149 0.44 13.23 -29.22
N ASN A 150 -0.77 12.78 -29.55
CA ASN A 150 -1.67 13.60 -30.36
C ASN A 150 -2.23 14.76 -29.53
N GLU A 151 -3.18 15.49 -30.09
CA GLU A 151 -3.65 16.71 -29.44
C GLU A 151 -4.47 16.46 -28.19
N ASN A 152 -5.51 15.63 -28.29
CA ASN A 152 -6.37 15.27 -27.15
C ASN A 152 -5.56 14.93 -25.89
N GLU A 153 -4.55 14.10 -26.08
CA GLU A 153 -3.67 13.67 -25.00
C GLU A 153 -2.90 14.86 -24.43
N PHE A 154 -2.45 15.74 -25.31
CA PHE A 154 -1.73 16.93 -24.89
C PHE A 154 -2.64 17.88 -24.11
N ILE A 155 -3.86 18.08 -24.59
CA ILE A 155 -4.84 18.86 -23.86
C ILE A 155 -4.95 18.30 -22.45
N ALA A 156 -5.06 16.97 -22.36
CA ALA A 156 -5.23 16.26 -21.09
C ALA A 156 -4.09 16.59 -20.14
N ILE A 157 -2.86 16.28 -20.55
CA ILE A 157 -1.67 16.69 -19.81
C ILE A 157 -1.94 18.02 -19.10
N CYS A 158 -2.43 18.99 -19.87
CA CYS A 158 -2.62 20.36 -19.41
C CYS A 158 -3.83 20.56 -18.50
N THR A 159 -4.99 20.04 -18.90
CA THR A 159 -6.18 20.18 -18.07
C THR A 159 -5.93 19.48 -16.74
N ASP A 160 -6.79 19.70 -15.77
CA ASP A 160 -6.59 19.14 -14.43
C ASP A 160 -7.67 18.15 -13.99
N LEU B 13 -19.77 -8.49 0.32
CA LEU B 13 -20.69 -8.95 -0.77
C LEU B 13 -20.79 -10.46 -0.74
N ASN B 14 -19.71 -11.10 -1.22
CA ASN B 14 -19.60 -12.54 -1.37
C ASN B 14 -18.95 -13.13 -0.13
N SER B 15 -18.00 -14.05 -0.33
CA SER B 15 -17.04 -14.44 0.68
C SER B 15 -16.44 -13.16 1.26
N GLU B 16 -17.06 -12.71 2.36
CA GLU B 16 -16.75 -11.45 3.01
C GLU B 16 -15.24 -11.18 3.09
N LEU B 17 -14.84 -9.97 2.73
CA LEU B 17 -13.43 -9.59 2.70
C LEU B 17 -12.90 -9.43 4.11
N LEU B 18 -11.59 -9.60 4.26
CA LEU B 18 -10.97 -9.46 5.57
C LEU B 18 -10.86 -8.00 6.01
N GLU B 19 -11.00 -7.77 7.30
CA GLU B 19 -10.83 -6.45 7.90
C GLU B 19 -9.49 -5.81 7.52
N GLU B 20 -8.48 -6.66 7.38
CA GLU B 20 -7.17 -6.23 6.92
C GLU B 20 -7.19 -5.90 5.43
N GLN B 21 -8.15 -6.47 4.71
CA GLN B 21 -8.24 -6.27 3.27
C GLN B 21 -9.07 -5.04 2.91
N LYS B 22 -10.11 -4.79 3.69
CA LYS B 22 -10.90 -3.56 3.54
C LYS B 22 -9.96 -2.36 3.67
N GLN B 23 -9.31 -2.27 4.82
CA GLN B 23 -8.27 -1.26 5.07
C GLN B 23 -7.22 -1.17 3.96
N GLU B 24 -6.95 -2.29 3.30
CA GLU B 24 -6.05 -2.31 2.14
C GLU B 24 -6.63 -1.39 1.07
N ILE B 25 -7.85 -1.67 0.64
CA ILE B 25 -8.48 -0.93 -0.45
C ILE B 25 -8.64 0.56 -0.12
N TYR B 26 -9.25 0.85 1.03
CA TYR B 26 -9.36 2.20 1.52
C TYR B 26 -8.01 2.87 1.42
N GLU B 27 -7.09 2.52 2.31
CA GLU B 27 -5.77 3.15 2.38
C GLU B 27 -5.18 3.42 1.01
N ALA B 28 -5.20 2.41 0.14
CA ALA B 28 -4.74 2.56 -1.24
C ALA B 28 -5.40 3.74 -1.94
N PHE B 29 -6.73 3.70 -2.05
CA PHE B 29 -7.49 4.77 -2.70
C PHE B 29 -7.24 6.12 -2.04
N SER B 30 -7.32 6.13 -0.71
CA SER B 30 -7.07 7.35 0.06
C SER B 30 -5.68 7.96 -0.19
N LEU B 31 -4.69 7.12 -0.47
CA LEU B 31 -3.31 7.57 -0.60
C LEU B 31 -3.00 8.05 -2.00
N PHE B 32 -3.77 7.60 -2.98
CA PHE B 32 -3.45 7.92 -4.38
C PHE B 32 -4.40 8.90 -5.05
N ASP B 33 -5.54 9.14 -4.41
CA ASP B 33 -6.30 10.33 -4.67
C ASP B 33 -5.34 11.48 -4.40
N ASN B 35 -5.54 14.47 -4.96
CA ASN B 35 -6.23 15.72 -4.67
C ASN B 35 -7.32 15.61 -3.61
N ASN B 36 -7.94 14.43 -3.50
CA ASN B 36 -8.99 14.15 -2.51
C ASN B 36 -10.38 14.58 -2.97
N ASP B 37 -10.72 14.22 -4.21
CA ASP B 37 -12.07 14.45 -4.72
C ASP B 37 -12.96 13.22 -4.52
N GLY B 38 -12.34 12.09 -4.18
CA GLY B 38 -13.03 10.81 -4.08
C GLY B 38 -13.05 10.11 -5.43
N PHE B 39 -12.09 10.46 -6.28
CA PHE B 39 -12.05 9.99 -7.66
C PHE B 39 -10.59 9.74 -8.10
N LEU B 40 -10.42 8.87 -9.09
CA LEU B 40 -9.09 8.51 -9.60
C LEU B 40 -9.05 8.44 -11.13
N ASP B 41 -8.19 9.25 -11.74
CA ASP B 41 -7.94 9.17 -13.18
C ASP B 41 -6.96 8.03 -13.49
N TYR B 42 -6.75 7.72 -14.78
CA TYR B 42 -5.83 6.66 -15.22
C TYR B 42 -4.52 6.65 -14.43
N HIS B 43 -3.85 7.79 -14.42
CA HIS B 43 -2.59 7.92 -13.71
C HIS B 43 -2.81 7.59 -12.24
N GLU B 44 -3.79 8.23 -11.60
CA GLU B 44 -4.09 8.01 -10.20
C GLU B 44 -4.42 6.55 -9.91
N LEU B 45 -4.87 5.83 -10.94
CA LEU B 45 -5.33 4.45 -10.79
C LEU B 45 -4.22 3.44 -11.04
N LYS B 46 -3.29 3.76 -11.93
CA LYS B 46 -2.24 2.81 -12.31
C LYS B 46 -1.40 2.47 -11.09
N VAL B 47 -0.96 3.50 -10.38
CA VAL B 47 -0.18 3.30 -9.17
C VAL B 47 -1.01 2.60 -8.10
N ALA B 48 -2.25 3.04 -7.90
CA ALA B 48 -3.16 2.40 -6.94
C ALA B 48 -3.32 0.91 -7.18
N LYS B 50 -0.76 -1.06 -8.76
CA LYS B 50 0.52 -1.55 -8.27
C LYS B 50 0.51 -1.74 -6.76
N ALA B 51 -0.05 -0.80 -6.02
CA ALA B 51 -0.06 -0.89 -4.57
C ALA B 51 -0.82 -2.10 -4.06
N LEU B 52 -1.80 -2.59 -4.80
CA LEU B 52 -2.48 -3.82 -4.40
C LEU B 52 -1.83 -4.99 -5.11
N GLY B 53 -0.66 -4.73 -5.69
CA GLY B 53 0.11 -5.72 -6.42
C GLY B 53 -0.47 -6.19 -7.73
N PHE B 54 -1.16 -5.31 -8.44
CA PHE B 54 -1.90 -5.71 -9.64
C PHE B 54 -1.49 -5.01 -10.95
N GLU B 55 -0.19 -4.88 -11.22
CA GLU B 55 0.28 -4.25 -12.45
C GLU B 55 -0.43 -4.81 -13.70
N LEU B 56 -1.26 -4.00 -14.36
CA LEU B 56 -1.99 -4.40 -15.58
C LEU B 56 -1.36 -3.79 -16.84
N PRO B 57 -1.66 -4.36 -18.02
CA PRO B 57 -1.26 -3.67 -19.25
C PRO B 57 -2.04 -2.37 -19.42
N LYS B 58 -1.40 -1.36 -20.00
CA LYS B 58 -2.01 -0.03 -20.17
C LYS B 58 -3.41 -0.07 -20.78
N ARG B 59 -3.52 -0.69 -21.96
CA ARG B 59 -4.80 -0.87 -22.65
C ARG B 59 -5.93 -1.19 -21.68
N GLU B 60 -5.77 -2.30 -20.96
CA GLU B 60 -6.80 -2.83 -20.08
C GLU B 60 -7.15 -1.90 -18.92
N ILE B 61 -6.23 -1.01 -18.58
CA ILE B 61 -6.49 -0.04 -17.53
C ILE B 61 -7.47 1.01 -18.05
N LEU B 62 -7.24 1.49 -19.26
CA LEU B 62 -8.15 2.43 -19.92
C LEU B 62 -9.50 1.75 -20.14
N ASP B 63 -9.44 0.52 -20.66
CA ASP B 63 -10.60 -0.35 -20.84
C ASP B 63 -11.50 -0.36 -19.60
N LEU B 64 -10.86 -0.34 -18.43
CA LEU B 64 -11.55 -0.52 -17.17
C LEU B 64 -12.31 0.74 -16.75
N ILE B 65 -11.65 1.89 -16.84
CA ILE B 65 -12.27 3.17 -16.50
C ILE B 65 -13.49 3.41 -17.38
N ASP B 66 -13.31 3.22 -18.69
CA ASP B 66 -14.39 3.30 -19.67
C ASP B 66 -15.55 2.47 -19.18
N GLU B 67 -15.33 1.15 -19.09
CA GLU B 67 -16.32 0.21 -18.61
C GLU B 67 -17.16 0.74 -17.44
N TYR B 68 -16.51 1.51 -16.56
CA TYR B 68 -17.18 2.00 -15.37
C TYR B 68 -17.73 3.41 -15.50
N ASP B 69 -17.69 3.95 -16.71
CA ASP B 69 -18.19 5.29 -16.96
C ASP B 69 -19.27 5.39 -18.04
N SER B 70 -20.51 5.57 -17.59
CA SER B 70 -21.61 5.99 -18.44
C SER B 70 -21.71 7.51 -18.34
N GLU B 71 -21.16 8.04 -17.25
CA GLU B 71 -21.20 9.46 -16.91
C GLU B 71 -20.16 10.28 -17.68
N GLY B 72 -19.72 9.74 -18.82
CA GLY B 72 -18.94 10.51 -19.80
C GLY B 72 -17.44 10.52 -19.64
N ARG B 73 -16.97 11.12 -18.55
CA ARG B 73 -15.54 11.38 -18.35
C ARG B 73 -14.69 10.13 -18.13
N HIS B 74 -13.46 10.31 -17.64
CA HIS B 74 -12.52 9.20 -17.47
C HIS B 74 -11.99 9.08 -16.03
N LEU B 75 -12.82 8.54 -15.14
CA LEU B 75 -12.47 8.38 -13.73
C LEU B 75 -12.85 6.99 -13.16
N LYS B 77 -14.65 5.97 -9.07
CA LYS B 77 -14.98 6.33 -7.70
C LYS B 77 -14.63 5.19 -6.76
N TYR B 78 -14.31 5.52 -5.51
CA TYR B 78 -14.05 4.54 -4.46
C TYR B 78 -15.02 3.37 -4.56
N ASP B 79 -16.31 3.67 -4.53
CA ASP B 79 -17.40 2.72 -4.71
C ASP B 79 -17.08 1.53 -5.60
N ASP B 80 -16.46 1.81 -6.75
CA ASP B 80 -16.28 0.80 -7.79
C ASP B 80 -14.87 0.24 -7.79
N PHE B 81 -13.91 1.12 -7.49
CA PHE B 81 -12.57 0.70 -7.18
C PHE B 81 -12.66 -0.40 -6.12
N TYR B 82 -13.23 -0.01 -4.98
CA TYR B 82 -13.51 -0.91 -3.86
C TYR B 82 -14.10 -2.26 -4.26
N ILE B 83 -14.65 -2.35 -5.46
CA ILE B 83 -15.21 -3.62 -5.90
C ILE B 83 -14.32 -4.29 -6.94
N VAL B 84 -13.99 -3.60 -8.02
CA VAL B 84 -13.09 -4.19 -9.02
C VAL B 84 -11.94 -4.89 -8.30
N GLY B 86 -11.79 -5.51 -5.06
CA GLY B 86 -12.41 -6.51 -4.20
C GLY B 86 -12.36 -7.91 -4.76
N GLU B 87 -12.77 -8.07 -6.01
CA GLU B 87 -12.71 -9.37 -6.65
C GLU B 87 -11.32 -9.68 -7.21
N LYS B 88 -10.58 -8.65 -7.59
CA LYS B 88 -9.21 -8.83 -8.05
C LYS B 88 -8.39 -9.53 -6.98
N ILE B 89 -8.66 -9.14 -5.74
CA ILE B 89 -7.98 -9.67 -4.56
C ILE B 89 -8.42 -11.09 -4.29
N LEU B 90 -9.72 -11.35 -4.23
CA LEU B 90 -10.21 -12.71 -4.01
C LEU B 90 -9.61 -13.69 -5.00
N LYS B 91 -9.67 -13.36 -6.29
CA LYS B 91 -9.09 -14.19 -7.35
C LYS B 91 -7.61 -14.50 -7.08
N ARG B 92 -7.03 -13.74 -6.15
CA ARG B 92 -5.62 -13.83 -5.78
C ARG B 92 -5.17 -15.20 -5.24
N ASP B 93 -4.09 -15.72 -5.83
CA ASP B 93 -3.44 -16.94 -5.34
C ASP B 93 -2.74 -16.65 -4.03
N PRO B 94 -3.20 -17.28 -2.94
CA PRO B 94 -2.64 -17.00 -1.62
C PRO B 94 -1.20 -17.41 -1.47
N LEU B 95 -0.76 -18.41 -2.26
CA LEU B 95 0.59 -18.95 -2.09
C LEU B 95 1.66 -18.00 -2.59
N ASP B 96 1.43 -17.39 -3.74
CA ASP B 96 2.39 -16.42 -4.24
C ASP B 96 2.54 -15.22 -3.31
N GLU B 97 1.46 -14.88 -2.61
CA GLU B 97 1.47 -13.72 -1.76
C GLU B 97 2.35 -13.93 -0.53
N ILE B 98 2.18 -15.09 0.13
CA ILE B 98 3.03 -15.48 1.26
C ILE B 98 4.48 -15.50 0.78
N LYS B 99 4.74 -16.27 -0.26
CA LYS B 99 6.08 -16.36 -0.83
C LYS B 99 6.74 -15.01 -0.94
N ARG B 100 5.96 -14.01 -1.33
CA ARG B 100 6.49 -12.69 -1.49
C ARG B 100 6.77 -12.06 -0.14
N ALA B 101 5.89 -12.28 0.83
CA ALA B 101 6.06 -11.70 2.15
C ALA B 101 7.32 -12.26 2.80
N PHE B 102 7.54 -13.57 2.65
CA PHE B 102 8.80 -14.16 3.07
C PHE B 102 10.00 -13.33 2.63
N GLN B 103 10.16 -13.10 1.33
CA GLN B 103 11.32 -12.33 0.84
C GLN B 103 11.55 -11.05 1.62
N LEU B 104 10.49 -10.33 1.96
CA LEU B 104 10.62 -9.06 2.67
C LEU B 104 11.20 -9.22 4.08
N PHE B 105 10.83 -10.31 4.76
CA PHE B 105 11.40 -10.63 6.05
C PHE B 105 12.89 -10.88 5.86
N ASP B 106 13.23 -11.69 4.84
CA ASP B 106 14.62 -12.07 4.57
C ASP B 106 15.45 -11.00 3.80
N ASP B 107 15.65 -9.80 4.38
CA ASP B 107 16.49 -8.72 3.79
C ASP B 107 17.79 -9.28 3.25
N ASP B 108 18.44 -10.09 4.08
CA ASP B 108 19.78 -10.59 3.82
C ASP B 108 19.79 -11.84 2.96
N HIS B 109 18.61 -12.34 2.62
CA HIS B 109 18.49 -13.34 1.56
C HIS B 109 19.18 -14.65 1.93
N THR B 110 19.09 -14.97 3.22
CA THR B 110 19.82 -16.11 3.75
C THR B 110 18.96 -17.36 3.65
N GLY B 111 17.68 -17.18 3.38
CA GLY B 111 16.78 -18.30 3.15
C GLY B 111 15.94 -18.60 4.36
N LYS B 112 16.28 -17.94 5.47
CA LYS B 112 15.53 -18.13 6.71
C LYS B 112 15.37 -16.82 7.45
N ILE B 113 14.19 -16.66 8.05
CA ILE B 113 13.93 -15.48 8.84
C ILE B 113 14.64 -15.71 10.15
N SER B 114 15.66 -14.92 10.43
CA SER B 114 16.34 -14.97 11.70
C SER B 114 15.62 -14.02 12.64
N ILE B 115 16.08 -13.96 13.88
CA ILE B 115 15.52 -13.07 14.90
C ILE B 115 15.93 -11.65 14.62
N LYS B 116 17.13 -11.45 14.08
CA LYS B 116 17.49 -10.10 13.62
C LYS B 116 16.50 -9.66 12.57
N ASN B 117 16.22 -10.54 11.60
CA ASN B 117 15.16 -10.30 10.62
C ASN B 117 13.87 -9.87 11.30
N LEU B 118 13.25 -10.80 12.01
CA LEU B 118 11.98 -10.55 12.68
C LEU B 118 11.97 -9.28 13.53
N ARG B 119 13.10 -8.94 14.13
CA ARG B 119 13.16 -7.78 14.98
C ARG B 119 12.99 -6.58 14.09
N ARG B 120 13.70 -6.60 12.96
CA ARG B 120 13.76 -5.48 12.02
C ARG B 120 12.36 -5.19 11.53
N VAL B 121 11.68 -6.23 11.04
CA VAL B 121 10.27 -6.11 10.70
C VAL B 121 9.48 -5.56 11.86
N ALA B 122 9.69 -6.09 13.06
CA ALA B 122 8.84 -5.64 14.16
C ALA B 122 9.05 -4.17 14.56
N LYS B 123 10.24 -3.66 14.34
CA LYS B 123 10.52 -2.27 14.59
C LYS B 123 9.94 -1.44 13.44
N GLU B 124 10.07 -1.99 12.22
CA GLU B 124 9.61 -1.36 10.99
C GLU B 124 8.12 -1.12 11.07
N LEU B 125 7.40 -2.04 11.73
CA LEU B 125 5.97 -1.91 11.91
C LEU B 125 5.60 -1.19 13.21
N GLY B 126 6.59 -0.53 13.80
CA GLY B 126 6.37 0.25 15.02
C GLY B 126 5.89 -0.50 16.25
N GLU B 127 5.93 -1.83 16.21
CA GLU B 127 5.69 -2.65 17.40
C GLU B 127 6.93 -2.56 18.26
N THR B 128 6.77 -2.65 19.58
CA THR B 128 7.92 -2.82 20.46
C THR B 128 7.82 -4.15 21.16
N LEU B 129 8.73 -5.06 20.82
CA LEU B 129 8.77 -6.34 21.50
C LEU B 129 10.13 -6.71 22.12
N THR B 130 10.00 -7.18 23.35
CA THR B 130 11.06 -7.82 24.08
C THR B 130 11.62 -8.96 23.24
N ASP B 131 12.93 -9.16 23.24
CA ASP B 131 13.50 -10.30 22.52
C ASP B 131 13.03 -11.64 23.05
N GLU B 132 12.72 -11.72 24.34
CA GLU B 132 12.17 -12.94 24.87
C GLU B 132 10.95 -13.33 24.04
N GLU B 133 10.21 -12.32 23.59
CA GLU B 133 8.99 -12.51 22.80
C GLU B 133 9.25 -12.82 21.34
N LEU B 134 10.24 -12.17 20.74
CA LEU B 134 10.57 -12.55 19.38
C LEU B 134 10.97 -14.02 19.38
N ARG B 135 11.78 -14.44 20.35
CA ARG B 135 12.18 -15.82 20.42
C ARG B 135 10.98 -16.75 20.64
N ALA B 136 10.01 -16.28 21.45
CA ALA B 136 8.74 -16.99 21.59
C ALA B 136 8.07 -17.27 20.24
N ILE B 138 9.44 -17.36 17.22
CA ILE B 138 10.22 -18.20 16.35
C ILE B 138 10.15 -19.64 16.84
N GLU B 139 10.22 -19.81 18.15
CA GLU B 139 10.19 -21.14 18.74
C GLU B 139 8.92 -21.89 18.38
N GLU B 140 7.78 -21.21 18.43
CA GLU B 140 6.51 -21.90 18.32
C GLU B 140 6.32 -22.50 16.96
N PHE B 141 7.01 -21.96 15.97
CA PHE B 141 6.81 -22.41 14.60
C PHE B 141 8.08 -22.97 13.97
N ASP B 142 9.19 -22.91 14.70
CA ASP B 142 10.44 -23.50 14.22
C ASP B 142 10.49 -25.04 14.28
N LEU B 143 9.72 -25.70 13.41
CA LEU B 143 9.58 -27.14 13.43
C LEU B 143 10.84 -27.92 13.07
N ASP B 144 11.71 -27.36 12.25
CA ASP B 144 13.00 -28.04 11.96
C ASP B 144 14.02 -27.82 13.07
N GLY B 145 13.64 -27.07 14.10
CA GLY B 145 14.42 -26.93 15.33
C GLY B 145 15.68 -26.08 15.30
N ASP B 146 15.98 -25.45 14.18
CA ASP B 146 17.20 -24.66 14.09
C ASP B 146 17.07 -23.17 14.49
N GLY B 147 16.00 -22.85 15.20
CA GLY B 147 15.84 -21.50 15.76
C GLY B 147 15.63 -20.32 14.82
N GLU B 148 15.44 -20.63 13.53
CA GLU B 148 15.00 -19.64 12.51
C GLU B 148 13.80 -20.27 11.80
N ILE B 149 13.04 -19.46 11.09
CA ILE B 149 11.91 -19.92 10.31
C ILE B 149 12.25 -19.89 8.82
N ASN B 150 12.13 -21.04 8.17
CA ASN B 150 12.43 -21.08 6.75
C ASN B 150 11.15 -20.85 5.96
N GLU B 151 11.24 -21.02 4.65
CA GLU B 151 10.07 -20.83 3.81
C GLU B 151 8.95 -21.74 4.28
N ASN B 152 9.06 -23.05 4.04
CA ASN B 152 7.95 -23.92 4.42
C ASN B 152 7.36 -23.70 5.83
N GLU B 153 8.19 -23.34 6.80
CA GLU B 153 7.68 -23.02 8.15
C GLU B 153 6.81 -21.76 8.16
N PHE B 154 7.24 -20.75 7.41
CA PHE B 154 6.51 -19.49 7.25
C PHE B 154 5.16 -19.66 6.56
N ILE B 155 5.18 -20.31 5.40
CA ILE B 155 3.96 -20.73 4.72
C ILE B 155 2.99 -21.25 5.77
N ALA B 156 3.38 -22.28 6.51
CA ALA B 156 2.47 -22.87 7.49
C ALA B 156 1.97 -21.88 8.54
N ILE B 157 2.74 -20.82 8.80
CA ILE B 157 2.31 -19.87 9.80
C ILE B 157 1.14 -19.18 9.20
N CYS B 158 1.25 -18.87 7.89
CA CYS B 158 0.22 -18.11 7.16
C CYS B 158 -0.84 -18.96 6.44
N THR B 159 -0.77 -20.28 6.52
CA THR B 159 -1.57 -21.12 5.65
C THR B 159 -3.08 -20.84 5.66
N ASP B 160 -3.69 -20.78 6.84
CA ASP B 160 -5.10 -20.34 6.95
C ASP B 160 -5.48 -19.96 8.38
N SER B 161 -4.86 -20.68 9.33
CA SER B 161 -4.98 -20.52 10.80
C SER B 161 -5.12 -21.88 11.49
N ASN C 14 -1.84 -52.76 30.52
CA ASN C 14 -2.96 -51.81 30.23
C ASN C 14 -4.34 -52.37 30.60
N SER C 15 -5.12 -51.54 31.30
CA SER C 15 -6.48 -51.92 31.72
C SER C 15 -7.55 -51.39 30.77
N GLU C 16 -8.82 -51.68 31.06
CA GLU C 16 -9.92 -50.95 30.47
C GLU C 16 -9.79 -49.55 31.01
N LEU C 17 -9.71 -48.56 30.12
CA LEU C 17 -9.51 -47.17 30.57
C LEU C 17 -10.76 -46.62 31.27
N LEU C 18 -10.55 -45.98 32.41
CA LEU C 18 -11.65 -45.49 33.25
C LEU C 18 -12.46 -44.37 32.61
N GLU C 19 -13.77 -44.40 32.86
CA GLU C 19 -14.70 -43.38 32.35
C GLU C 19 -14.25 -41.97 32.65
N GLU C 20 -13.93 -41.71 33.92
CA GLU C 20 -13.48 -40.40 34.36
C GLU C 20 -12.39 -39.85 33.44
N GLN C 21 -11.43 -40.70 33.10
CA GLN C 21 -10.35 -40.34 32.20
C GLN C 21 -10.82 -40.34 30.75
N LYS C 22 -11.76 -41.24 30.43
CA LYS C 22 -12.34 -41.30 29.09
C LYS C 22 -12.81 -39.93 28.64
N GLN C 23 -13.56 -39.23 29.50
CA GLN C 23 -14.07 -37.89 29.20
C GLN C 23 -12.94 -36.92 29.04
N GLU C 24 -11.96 -37.01 29.93
CA GLU C 24 -10.84 -36.06 29.93
C GLU C 24 -10.18 -36.04 28.57
N ILE C 25 -10.03 -37.21 27.96
CA ILE C 25 -9.46 -37.32 26.61
C ILE C 25 -10.29 -36.51 25.61
N TYR C 26 -11.57 -36.88 25.51
CA TYR C 26 -12.51 -36.18 24.67
C TYR C 26 -12.42 -34.68 24.93
N GLU C 27 -12.65 -34.27 26.17
CA GLU C 27 -12.55 -32.85 26.52
C GLU C 27 -11.28 -32.19 25.96
N ALA C 28 -10.12 -32.79 26.22
CA ALA C 28 -8.86 -32.29 25.68
C ALA C 28 -8.95 -31.99 24.18
N PHE C 29 -9.32 -33.00 23.41
CA PHE C 29 -9.35 -32.90 21.95
C PHE C 29 -10.32 -31.84 21.53
N SER C 30 -11.53 -31.95 22.08
CA SER C 30 -12.61 -31.06 21.73
C SER C 30 -12.26 -29.63 22.08
N LEU C 31 -11.94 -29.40 23.35
CA LEU C 31 -11.64 -28.05 23.85
C LEU C 31 -10.51 -27.33 23.16
N PHE C 32 -9.56 -28.07 22.60
CA PHE C 32 -8.38 -27.42 21.99
C PHE C 32 -8.18 -27.60 20.48
N ASP C 33 -9.25 -27.96 19.76
CA ASP C 33 -9.22 -27.83 18.31
C ASP C 33 -9.54 -26.39 17.93
N ASN C 35 -9.04 -24.15 15.23
CA ASN C 35 -9.72 -23.88 13.99
C ASN C 35 -11.00 -24.71 13.84
N ASN C 36 -11.12 -25.74 14.67
CA ASN C 36 -12.37 -26.49 14.82
C ASN C 36 -12.68 -27.43 13.64
N ASP C 37 -11.64 -28.08 13.11
CA ASP C 37 -11.76 -28.99 11.98
C ASP C 37 -11.61 -30.48 12.37
N GLY C 38 -12.00 -30.81 13.59
CA GLY C 38 -12.00 -32.20 14.06
C GLY C 38 -10.67 -32.91 14.00
N PHE C 39 -9.62 -32.20 13.61
CA PHE C 39 -8.26 -32.72 13.71
C PHE C 39 -7.42 -31.84 14.63
N LEU C 40 -6.31 -32.38 15.12
CA LEU C 40 -5.30 -31.56 15.79
C LEU C 40 -4.04 -31.53 14.95
N ASP C 41 -3.42 -30.37 14.88
CA ASP C 41 -2.10 -30.31 14.29
C ASP C 41 -1.13 -30.09 15.42
N TYR C 42 0.16 -30.09 15.11
CA TYR C 42 1.18 -29.95 16.14
C TYR C 42 0.78 -28.95 17.22
N HIS C 43 0.63 -27.69 16.86
CA HIS C 43 0.34 -26.67 17.85
C HIS C 43 -0.82 -27.03 18.78
N GLU C 44 -1.90 -27.51 18.22
CA GLU C 44 -3.06 -27.83 19.01
C GLU C 44 -2.72 -29.03 19.86
N LEU C 45 -2.05 -29.99 19.25
CA LEU C 45 -1.74 -31.25 19.90
C LEU C 45 -0.85 -30.96 21.11
N LYS C 46 0.11 -30.06 20.94
CA LYS C 46 0.99 -29.66 22.01
C LYS C 46 0.20 -29.14 23.20
N VAL C 47 -0.82 -28.32 22.98
CA VAL C 47 -1.61 -27.81 24.13
C VAL C 47 -2.60 -28.83 24.63
N ALA C 48 -3.08 -29.67 23.72
CA ALA C 48 -4.06 -30.69 24.04
C ALA C 48 -3.51 -31.61 25.14
N LYS C 50 -1.06 -31.00 27.33
CA LYS C 50 -0.83 -30.30 28.60
C LYS C 50 -2.09 -30.40 29.46
N ALA C 51 -3.23 -30.54 28.82
CA ALA C 51 -4.48 -30.73 29.55
C ALA C 51 -4.55 -32.11 30.21
N LEU C 52 -3.78 -33.06 29.70
CA LEU C 52 -3.67 -34.39 30.29
C LEU C 52 -2.31 -34.55 30.92
N GLY C 53 -1.69 -33.43 31.25
CA GLY C 53 -0.42 -33.42 31.96
C GLY C 53 0.82 -33.68 31.12
N PHE C 54 0.64 -34.27 29.94
CA PHE C 54 1.78 -34.61 29.09
C PHE C 54 2.47 -33.42 28.42
N GLU C 55 3.77 -33.30 28.65
CA GLU C 55 4.55 -32.25 28.05
C GLU C 55 5.75 -32.89 27.36
N LEU C 56 5.61 -33.18 26.08
CA LEU C 56 6.65 -33.88 25.35
C LEU C 56 7.51 -32.95 24.51
N PRO C 57 8.82 -33.23 24.46
CA PRO C 57 9.78 -32.70 23.51
C PRO C 57 9.19 -32.40 22.13
N LYS C 58 9.58 -31.25 21.58
CA LYS C 58 9.16 -30.89 20.23
C LYS C 58 9.36 -32.08 19.32
N ARG C 59 10.62 -32.50 19.15
CA ARG C 59 10.88 -33.71 18.35
C ARG C 59 9.80 -34.76 18.61
N GLU C 60 9.62 -35.17 19.85
CA GLU C 60 8.66 -36.24 20.15
C GLU C 60 7.29 -36.02 19.53
N ILE C 61 6.79 -34.78 19.64
CA ILE C 61 5.42 -34.52 19.25
C ILE C 61 5.26 -34.76 17.76
N LEU C 62 6.04 -34.02 16.98
CA LEU C 62 6.11 -34.25 15.54
C LEU C 62 6.18 -35.73 15.24
N ASP C 63 7.00 -36.45 16.01
CA ASP C 63 7.18 -37.86 15.85
C ASP C 63 5.83 -38.52 15.78
N LEU C 64 4.94 -38.15 16.71
CA LEU C 64 3.64 -38.82 16.81
C LEU C 64 2.79 -38.53 15.59
N ILE C 65 2.72 -37.25 15.25
CA ILE C 65 1.99 -36.80 14.08
C ILE C 65 2.50 -37.53 12.85
N ASP C 66 3.82 -37.63 12.71
CA ASP C 66 4.41 -38.44 11.68
C ASP C 66 3.87 -39.90 11.67
N GLU C 67 3.72 -40.49 12.85
CA GLU C 67 3.36 -41.91 12.97
C GLU C 67 1.91 -42.20 12.56
N TYR C 68 0.98 -41.39 13.06
CA TYR C 68 -0.46 -41.66 12.87
C TYR C 68 -1.08 -40.86 11.75
N ASP C 69 -0.39 -39.82 11.30
CA ASP C 69 -0.80 -39.18 10.07
C ASP C 69 -0.40 -40.09 8.91
N SER C 70 -1.13 -41.18 8.77
CA SER C 70 -1.07 -41.99 7.57
C SER C 70 -2.02 -41.32 6.59
N GLU C 71 -2.70 -40.28 7.10
CA GLU C 71 -3.64 -39.48 6.34
C GLU C 71 -2.90 -38.70 5.24
N GLY C 72 -1.65 -38.34 5.53
CA GLY C 72 -0.94 -37.38 4.72
C GLY C 72 -1.27 -35.98 5.20
N ARG C 73 -0.32 -35.07 5.06
CA ARG C 73 -0.50 -33.65 5.42
C ARG C 73 -0.77 -33.40 6.92
N HIS C 74 0.04 -34.06 7.76
CA HIS C 74 0.40 -33.62 9.12
C HIS C 74 -0.72 -33.26 10.10
N LEU C 75 -1.68 -34.15 10.27
CA LEU C 75 -2.75 -33.93 11.22
C LEU C 75 -2.99 -35.17 12.08
N LYS C 77 -6.27 -37.48 13.61
CA LYS C 77 -7.66 -37.85 13.84
C LYS C 77 -7.84 -38.11 15.33
N TYR C 78 -9.04 -37.81 15.84
CA TYR C 78 -9.36 -38.05 17.23
C TYR C 78 -9.16 -39.51 17.67
N ASP C 79 -9.50 -40.46 16.81
CA ASP C 79 -9.32 -41.88 17.15
C ASP C 79 -7.87 -42.18 17.50
N ASP C 80 -6.95 -41.85 16.59
CA ASP C 80 -5.54 -42.04 16.86
C ASP C 80 -5.19 -41.41 18.21
N PHE C 81 -5.41 -40.09 18.31
CA PHE C 81 -5.28 -39.34 19.58
C PHE C 81 -5.81 -40.11 20.80
N TYR C 82 -7.06 -40.56 20.74
CA TYR C 82 -7.66 -41.32 21.83
C TYR C 82 -6.80 -42.54 22.17
N ILE C 83 -6.46 -43.32 21.15
CA ILE C 83 -5.63 -44.53 21.32
C ILE C 83 -4.36 -44.19 22.09
N VAL C 84 -3.67 -43.16 21.64
CA VAL C 84 -2.40 -42.76 22.21
C VAL C 84 -2.56 -42.35 23.69
N GLY C 86 -4.45 -42.51 25.78
CA GLY C 86 -5.00 -43.58 26.59
C GLY C 86 -3.92 -44.42 27.25
N GLU C 87 -3.04 -44.98 26.42
CA GLU C 87 -1.90 -45.75 26.92
C GLU C 87 -1.03 -44.87 27.81
N LYS C 88 -0.71 -43.68 27.32
CA LYS C 88 0.07 -42.75 28.11
C LYS C 88 -0.48 -42.52 29.52
N ILE C 89 -1.80 -42.37 29.66
CA ILE C 89 -2.41 -42.11 30.97
C ILE C 89 -2.25 -43.28 31.95
N LEU C 90 -2.58 -44.47 31.48
CA LEU C 90 -2.47 -45.69 32.30
C LEU C 90 -1.01 -46.08 32.56
N LYS C 91 -0.23 -46.18 31.49
CA LYS C 91 1.20 -46.52 31.58
C LYS C 91 2.05 -45.43 32.22
N ARG C 92 1.44 -44.32 32.63
CA ARG C 92 2.16 -43.24 33.30
C ARG C 92 2.37 -43.55 34.79
N ASP C 93 3.55 -43.19 35.29
CA ASP C 93 3.82 -43.23 36.71
C ASP C 93 2.78 -42.34 37.41
N PRO C 94 1.90 -42.96 38.21
CA PRO C 94 0.80 -42.23 38.84
C PRO C 94 1.33 -41.16 39.78
N LEU C 95 2.64 -41.20 40.02
CA LEU C 95 3.32 -40.24 40.86
C LEU C 95 3.93 -39.11 40.03
N ASP C 96 4.25 -39.38 38.77
CA ASP C 96 4.65 -38.34 37.83
C ASP C 96 3.46 -37.42 37.54
N GLU C 97 2.28 -38.04 37.38
CA GLU C 97 1.00 -37.36 37.38
C GLU C 97 0.95 -36.34 38.53
N ILE C 98 1.27 -36.82 39.72
CA ILE C 98 1.29 -35.97 40.92
C ILE C 98 2.42 -34.95 40.82
N LYS C 99 3.60 -35.39 40.36
CA LYS C 99 4.80 -34.55 40.30
C LYS C 99 4.58 -33.27 39.53
N ARG C 100 3.98 -33.37 38.35
CA ARG C 100 3.70 -32.20 37.53
C ARG C 100 2.74 -31.24 38.21
N ALA C 101 1.70 -31.79 38.84
CA ALA C 101 0.72 -31.01 39.57
C ALA C 101 1.40 -30.12 40.60
N PHE C 102 2.33 -30.69 41.35
CA PHE C 102 3.12 -29.95 42.32
C PHE C 102 3.96 -28.88 41.64
N GLN C 103 4.62 -29.26 40.55
CA GLN C 103 5.47 -28.33 39.78
C GLN C 103 4.68 -27.13 39.26
N LEU C 104 3.35 -27.30 39.14
CA LEU C 104 2.49 -26.26 38.57
C LEU C 104 1.95 -25.23 39.56
N PHE C 105 1.71 -25.65 40.80
CA PHE C 105 1.33 -24.70 41.85
C PHE C 105 2.49 -23.78 42.18
N ASP C 106 3.70 -24.33 42.06
CA ASP C 106 4.92 -23.62 42.35
C ASP C 106 5.33 -22.70 41.20
N ASP C 107 4.70 -21.52 41.14
CA ASP C 107 5.07 -20.46 40.20
C ASP C 107 6.53 -20.09 40.44
N ASP C 108 6.73 -19.46 41.59
CA ASP C 108 8.00 -18.91 42.06
C ASP C 108 9.15 -19.92 42.14
N HIS C 109 8.84 -21.19 41.88
CA HIS C 109 9.78 -22.29 42.04
C HIS C 109 10.47 -22.20 43.42
N THR C 110 9.65 -22.22 44.46
CA THR C 110 10.13 -22.11 45.84
C THR C 110 10.48 -23.47 46.43
N GLY C 111 9.66 -24.49 46.15
CA GLY C 111 9.82 -25.82 46.73
C GLY C 111 8.65 -26.18 47.61
N LYS C 112 8.02 -25.15 48.19
CA LYS C 112 6.80 -25.31 48.98
C LYS C 112 5.68 -24.41 48.46
N ILE C 113 4.48 -24.96 48.38
CA ILE C 113 3.30 -24.21 47.96
C ILE C 113 2.83 -23.30 49.09
N SER C 114 2.78 -22.00 48.80
CA SER C 114 2.14 -21.03 49.69
C SER C 114 0.83 -20.54 49.05
N ILE C 115 0.06 -19.74 49.77
CA ILE C 115 -1.28 -19.31 49.33
C ILE C 115 -1.26 -18.35 48.12
N LYS C 116 -0.18 -17.59 47.99
CA LYS C 116 0.06 -16.75 46.81
C LYS C 116 0.32 -17.62 45.57
N ASN C 117 0.42 -18.93 45.81
CA ASN C 117 0.53 -19.93 44.74
C ASN C 117 -0.67 -20.89 44.78
N LEU C 118 -1.68 -20.53 45.57
CA LEU C 118 -2.88 -21.38 45.75
C LEU C 118 -4.19 -20.63 45.48
N ARG C 119 -4.35 -19.48 46.12
CA ARG C 119 -5.42 -18.56 45.76
C ARG C 119 -5.17 -18.19 44.31
N ARG C 120 -3.89 -18.01 43.95
CA ARG C 120 -3.42 -17.93 42.57
C ARG C 120 -4.24 -18.85 41.66
N VAL C 121 -4.54 -20.06 42.15
CA VAL C 121 -5.36 -21.02 41.42
C VAL C 121 -6.85 -20.87 41.75
N ALA C 122 -7.17 -20.79 43.04
CA ALA C 122 -8.53 -20.58 43.51
C ALA C 122 -9.22 -19.45 42.74
N LYS C 123 -8.57 -18.29 42.72
CA LYS C 123 -9.03 -17.13 41.95
C LYS C 123 -9.08 -17.42 40.46
N GLU C 124 -8.02 -18.05 39.95
CA GLU C 124 -7.89 -18.34 38.53
C GLU C 124 -8.89 -19.42 38.09
N LEU C 125 -9.98 -19.53 38.86
CA LEU C 125 -11.09 -20.44 38.55
C LEU C 125 -12.39 -19.75 38.95
N GLY C 126 -12.91 -18.91 38.05
CA GLY C 126 -14.15 -18.17 38.30
C GLY C 126 -14.52 -17.28 37.14
N ALA C 136 -10.74 -19.93 53.87
CA ALA C 136 -11.42 -21.19 54.09
C ALA C 136 -10.44 -22.36 54.08
N ILE C 138 -7.61 -23.44 55.58
CA ILE C 138 -6.19 -23.18 55.37
C ILE C 138 -5.34 -24.37 55.86
N GLU C 139 -5.42 -24.63 57.16
CA GLU C 139 -4.64 -25.70 57.79
C GLU C 139 -5.13 -27.11 57.40
N GLU C 140 -6.33 -27.19 56.82
CA GLU C 140 -7.01 -28.45 56.48
C GLU C 140 -6.08 -29.65 56.27
N PHE C 141 -5.14 -29.53 55.33
CA PHE C 141 -4.22 -30.63 55.02
C PHE C 141 -2.74 -30.23 55.22
N ASP C 142 -2.50 -29.39 56.21
CA ASP C 142 -1.16 -28.88 56.53
C ASP C 142 -0.57 -29.54 57.77
N LEU C 143 0.67 -29.99 57.65
CA LEU C 143 1.40 -30.58 58.79
C LEU C 143 2.53 -29.68 59.29
N ASP C 144 2.53 -28.43 58.83
CA ASP C 144 3.53 -27.46 59.24
C ASP C 144 2.91 -26.08 59.50
N ASN C 150 5.14 -28.86 50.53
CA ASN C 150 6.11 -29.84 50.05
C ASN C 150 5.48 -30.99 49.26
N GLU C 151 6.30 -31.65 48.45
CA GLU C 151 5.87 -32.74 47.55
C GLU C 151 5.41 -33.99 48.31
N ASN C 152 5.86 -34.12 49.56
CA ASN C 152 5.60 -35.30 50.36
C ASN C 152 4.19 -35.34 50.96
N GLU C 153 3.76 -34.22 51.55
CA GLU C 153 2.40 -34.07 52.08
C GLU C 153 1.38 -34.21 50.95
N PHE C 154 1.81 -33.87 49.75
CA PHE C 154 0.98 -33.84 48.54
C PHE C 154 0.26 -35.17 48.28
N ILE C 155 1.03 -36.22 48.02
CA ILE C 155 0.51 -37.52 47.55
C ILE C 155 -0.61 -38.06 48.45
N ALA C 156 -0.55 -37.71 49.73
CA ALA C 156 -1.54 -38.12 50.72
C ALA C 156 -2.98 -37.73 50.36
N ILE C 157 -3.11 -36.66 49.58
CA ILE C 157 -4.43 -36.16 49.17
C ILE C 157 -4.96 -36.98 47.99
N PRO D 2 17.91 51.67 -29.56
CA PRO D 2 19.01 52.35 -30.24
C PRO D 2 19.25 51.79 -31.65
N LEU D 3 19.62 50.53 -31.73
CA LEU D 3 19.85 49.85 -32.99
C LEU D 3 18.91 48.67 -33.13
N GLY D 4 18.66 48.24 -34.36
CA GLY D 4 17.74 47.14 -34.62
C GLY D 4 16.36 47.64 -34.94
N SER D 5 15.55 46.76 -35.55
CA SER D 5 14.26 47.13 -36.12
C SER D 5 13.09 46.71 -35.24
N ASN D 6 11.95 46.57 -35.91
CA ASN D 6 10.77 45.94 -35.32
C ASN D 6 10.47 44.63 -36.05
N GLU D 7 11.57 43.91 -36.28
CA GLU D 7 11.61 42.46 -36.46
C GLU D 7 11.78 41.91 -35.06
N GLU D 8 12.21 42.79 -34.16
CA GLU D 8 12.34 42.54 -32.73
C GLU D 8 11.01 42.23 -32.07
N ALA D 9 9.92 42.75 -32.63
CA ALA D 9 8.58 42.31 -32.27
C ALA D 9 8.45 40.79 -32.41
N ASN D 10 9.14 40.25 -33.41
CA ASN D 10 9.14 38.81 -33.63
C ASN D 10 10.20 38.12 -32.78
N ARG D 11 11.25 38.86 -32.42
CA ARG D 11 12.21 38.37 -31.43
C ARG D 11 11.58 38.36 -30.03
N PHE D 12 10.32 38.78 -29.96
CA PHE D 12 9.62 38.92 -28.68
C PHE D 12 8.50 37.88 -28.65
N ALA D 13 8.08 37.44 -29.84
CA ALA D 13 7.15 36.31 -29.94
C ALA D 13 7.90 35.02 -29.62
N ASN D 14 9.00 34.78 -30.35
CA ASN D 14 9.84 33.61 -30.10
C ASN D 14 10.17 33.44 -28.61
N GLN D 15 10.20 34.57 -27.90
CA GLN D 15 10.54 34.61 -26.49
C GLN D 15 9.30 34.38 -25.62
N ALA D 16 8.16 34.91 -26.04
CA ALA D 16 6.91 34.69 -25.33
C ALA D 16 6.51 33.24 -25.45
N LYS D 17 6.68 32.68 -26.66
CA LYS D 17 6.41 31.27 -26.91
C LYS D 17 7.32 30.38 -26.06
N LEU D 18 8.37 30.98 -25.51
CA LEU D 18 9.32 30.25 -24.71
C LEU D 18 8.88 30.18 -23.28
N ARG D 19 8.61 31.34 -22.68
CA ARG D 19 8.09 31.37 -21.30
C ARG D 19 6.92 30.41 -21.14
N VAL D 20 6.24 30.12 -22.25
CA VAL D 20 5.15 29.14 -22.25
C VAL D 20 5.64 27.69 -22.53
N GLN D 21 6.70 27.55 -23.34
CA GLN D 21 7.27 26.23 -23.64
C GLN D 21 7.77 25.61 -22.36
N GLU D 22 8.62 26.36 -21.64
CA GLU D 22 9.12 25.92 -20.35
C GLU D 22 7.96 25.68 -19.40
N ALA D 23 7.04 26.65 -19.29
CA ALA D 23 5.85 26.50 -18.47
C ALA D 23 5.21 25.11 -18.64
N VAL D 24 4.79 24.79 -19.86
CA VAL D 24 4.11 23.52 -20.12
C VAL D 24 5.04 22.32 -20.10
N PHE D 25 6.31 22.53 -20.48
CA PHE D 25 7.33 21.46 -20.40
C PHE D 25 7.58 21.06 -18.96
N TYR D 26 7.64 22.03 -18.07
CA TYR D 26 7.87 21.75 -16.65
C TYR D 26 6.67 21.07 -15.98
N ILE D 27 5.48 21.63 -16.12
CA ILE D 27 4.30 21.00 -15.53
C ILE D 27 4.13 19.59 -16.09
N TRP D 28 4.50 19.38 -17.36
CA TRP D 28 4.55 18.06 -17.95
C TRP D 28 5.57 17.21 -17.18
N SER D 29 6.82 17.63 -17.23
CA SER D 29 7.90 16.84 -16.69
C SER D 29 8.07 17.05 -15.19
N ASP D 30 8.75 18.15 -14.90
CA ASP D 30 9.18 18.57 -13.56
C ASP D 30 8.10 18.20 -12.57
N LYS D 31 6.89 18.70 -12.79
CA LYS D 31 5.78 18.28 -11.96
C LYS D 31 5.32 16.87 -12.37
N THR D 32 4.46 16.83 -13.40
CA THR D 32 3.63 15.65 -13.69
C THR D 32 4.35 14.34 -13.94
N LEU D 33 5.44 14.30 -14.68
CA LEU D 33 5.99 12.98 -15.01
C LEU D 33 6.73 12.29 -13.85
N LYS D 34 7.31 13.09 -12.97
CA LYS D 34 7.99 12.57 -11.78
C LYS D 34 7.08 11.76 -10.87
N TYR D 35 5.84 12.20 -10.70
CA TYR D 35 4.86 11.46 -9.95
C TYR D 35 4.78 10.03 -10.47
N SER D 36 5.22 9.79 -11.70
CA SER D 36 5.29 8.41 -12.23
C SER D 36 6.38 7.59 -11.57
N GLN D 37 7.48 8.24 -11.17
CA GLN D 37 8.55 7.61 -10.39
C GLN D 37 8.22 7.74 -8.91
N ALA D 39 5.35 8.41 -6.93
CA ALA D 39 4.30 7.55 -6.40
C ALA D 39 4.52 6.10 -6.79
N ASN D 40 5.20 5.85 -7.90
CA ASN D 40 5.56 4.48 -8.24
C ASN D 40 6.33 3.82 -7.10
N ASP D 41 7.28 4.55 -6.51
CA ASP D 41 7.93 4.12 -5.29
C ASP D 41 6.93 4.01 -4.13
N GLU D 42 6.21 5.10 -3.83
CA GLU D 42 5.26 5.08 -2.72
C GLU D 42 4.33 3.89 -2.84
N ALA D 43 4.21 3.37 -4.06
CA ALA D 43 3.36 2.22 -4.32
C ALA D 43 4.04 0.97 -3.83
N GLU D 44 5.32 0.83 -4.15
CA GLU D 44 6.08 -0.33 -3.73
C GLU D 44 6.05 -0.33 -2.20
N SER D 45 6.54 0.76 -1.63
CA SER D 45 6.55 0.91 -0.18
C SER D 45 5.23 0.54 0.50
N PHE D 46 4.12 0.79 -0.17
CA PHE D 46 2.81 0.47 0.38
C PHE D 46 2.72 -1.02 0.29
N ARG D 47 2.56 -1.55 -0.93
CA ARG D 47 2.53 -3.01 -1.16
C ARG D 47 3.34 -3.72 -0.06
N ASN D 48 4.66 -3.54 -0.13
CA ASN D 48 5.59 -4.00 0.86
C ASN D 48 5.11 -3.89 2.29
N THR D 49 4.95 -2.67 2.81
CA THR D 49 4.44 -2.55 4.17
C THR D 49 3.20 -3.38 4.39
N TRP D 50 2.20 -3.28 3.53
CA TRP D 50 1.01 -4.03 3.79
C TRP D 50 1.32 -5.52 3.79
N LEU D 51 2.18 -5.96 2.88
CA LEU D 51 2.50 -7.37 2.78
C LEU D 51 3.04 -7.88 4.12
N LEU D 52 4.11 -7.24 4.63
CA LEU D 52 4.63 -7.43 5.99
C LEU D 52 3.54 -7.48 7.06
N PHE D 53 2.90 -6.35 7.31
CA PHE D 53 1.80 -6.28 8.28
C PHE D 53 0.91 -7.50 8.26
N ARG D 54 0.48 -7.91 7.07
CA ARG D 54 -0.49 -9.00 7.05
C ARG D 54 0.13 -10.22 7.67
N SER D 55 1.31 -10.58 7.19
CA SER D 55 1.96 -11.82 7.66
C SER D 55 2.32 -11.75 9.13
N PHE D 56 2.97 -10.64 9.52
CA PHE D 56 3.34 -10.43 10.91
C PHE D 56 2.17 -10.50 11.89
N GLN D 57 1.04 -9.89 11.53
CA GLN D 57 -0.12 -9.94 12.39
C GLN D 57 -0.68 -11.33 12.49
N GLN D 58 -0.38 -12.17 11.52
CA GLN D 58 -0.95 -13.51 11.54
C GLN D 58 -0.09 -14.36 12.46
N TRP D 59 1.22 -14.12 12.34
CA TRP D 59 2.26 -14.75 13.14
C TRP D 59 1.99 -14.51 14.59
N ILE D 60 2.08 -13.24 14.99
CA ILE D 60 2.06 -12.85 16.40
C ILE D 60 0.75 -13.23 17.10
N THR D 61 -0.37 -13.09 16.42
CA THR D 61 -1.60 -13.39 17.13
C THR D 61 -1.75 -14.89 17.36
N LEU D 62 -1.14 -15.69 16.49
CA LEU D 62 -1.21 -17.13 16.71
C LEU D 62 -0.40 -17.46 17.95
N THR D 63 0.85 -16.97 17.96
CA THR D 63 1.70 -17.13 19.12
C THR D 63 0.93 -16.73 20.36
N GLN D 64 0.36 -15.53 20.36
CA GLN D 64 -0.47 -15.14 21.47
C GLN D 64 -1.52 -16.18 21.82
N THR D 65 -2.17 -16.77 20.83
CA THR D 65 -3.26 -17.72 21.15
C THR D 65 -2.72 -19.00 21.81
N PHE D 66 -1.63 -19.51 21.27
CA PHE D 66 -1.11 -20.74 21.77
C PHE D 66 -0.56 -20.58 23.19
N LYS D 67 0.21 -19.51 23.44
CA LYS D 67 0.55 -19.15 24.82
C LYS D 67 -0.72 -19.16 25.66
N GLU D 68 -1.66 -18.30 25.28
CA GLU D 68 -2.89 -18.13 26.01
C GLU D 68 -3.65 -19.42 26.15
N GLN D 69 -3.55 -20.29 25.15
CA GLN D 69 -4.24 -21.59 25.24
C GLN D 69 -3.50 -22.48 26.19
N SER D 70 -2.19 -22.52 26.03
CA SER D 70 -1.31 -23.37 26.82
C SER D 70 -1.54 -23.16 28.31
N ARG D 71 -1.57 -21.89 28.71
CA ARG D 71 -1.73 -21.51 30.11
C ARG D 71 -3.11 -21.83 30.59
N LEU D 72 -4.02 -22.07 29.65
CA LEU D 72 -5.36 -22.56 29.97
C LEU D 72 -5.38 -24.07 30.03
N ALA D 73 -4.43 -24.74 29.37
CA ALA D 73 -4.40 -26.21 29.42
C ALA D 73 -3.95 -26.67 30.78
N ASP D 74 -2.94 -26.00 31.34
CA ASP D 74 -2.50 -26.29 32.70
C ASP D 74 -3.59 -25.94 33.71
N GLN D 75 -4.18 -24.75 33.58
CA GLN D 75 -5.41 -24.43 34.29
C GLN D 75 -6.34 -25.64 34.30
N ALA D 76 -6.62 -26.17 33.12
CA ALA D 76 -7.59 -27.25 32.95
C ALA D 76 -7.14 -28.50 33.69
N PHE D 77 -5.88 -28.86 33.46
CA PHE D 77 -5.30 -30.06 34.04
C PHE D 77 -5.37 -30.11 35.57
N LEU D 78 -5.34 -28.95 36.22
CA LEU D 78 -5.51 -28.88 37.67
C LEU D 78 -6.98 -29.10 38.07
N ASN D 79 -7.90 -28.54 37.30
CA ASN D 79 -9.34 -28.60 37.63
C ASN D 79 -9.88 -29.99 37.97
N LYS D 80 -9.20 -31.05 37.52
CA LYS D 80 -9.59 -32.39 37.96
C LYS D 80 -9.13 -32.63 39.40
N PHE D 82 -8.15 -30.48 41.44
CA PHE D 82 -8.67 -29.39 42.26
C PHE D 82 -9.73 -29.86 43.25
N ARG D 83 -10.66 -30.69 42.79
CA ARG D 83 -11.68 -31.23 43.68
C ARG D 83 -11.14 -32.46 44.40
N LYS D 84 -9.93 -32.30 44.94
CA LYS D 84 -9.16 -33.35 45.64
C LYS D 84 -8.80 -34.53 44.74
#